data_7G1X
#
_entry.id   7G1X
#
_cell.length_a   58.691
_cell.length_b   34.929
_cell.length_c   59.321
_cell.angle_alpha   90.000
_cell.angle_beta   119.210
_cell.angle_gamma   90.000
#
_symmetry.space_group_name_H-M   'P 1 21 1'
#
loop_
_entity.id
_entity.type
_entity.pdbx_description
1 polymer 'Fatty acid-binding protein, liver'
2 water water
#
_entity_poly.entity_id   1
_entity_poly.type   'polypeptide(L)'
_entity_poly.pdbx_seq_one_letter_code
;GSHMSFSGKYQLQSQENFEAFMKAIGLPEELIQKGKDIKGVSEIVQNGKHFKFTITAGSKVIQNEFTVGEECELETMTGE
KVKTVVQLEGDNKLVTTFKNIKSVTELNGDIITNTMTLGDIVFKRISKRI
;
_entity_poly.pdbx_strand_id   A,B
#
# COMPACT_ATOMS: atom_id res chain seq x y z
N SER A 2 17.96 0.56 27.44
CA SER A 2 18.29 0.66 25.98
C SER A 2 17.01 0.50 25.14
N HIS A 3 16.75 1.47 24.26
CA HIS A 3 15.52 1.46 23.49
C HIS A 3 15.78 0.72 22.16
N MET A 4 14.74 0.18 21.56
CA MET A 4 14.94 -0.49 20.29
C MET A 4 14.66 0.54 19.22
N SER A 5 15.27 0.34 18.07
CA SER A 5 14.89 1.08 16.87
C SER A 5 13.69 0.40 16.22
N PHE A 6 12.79 1.21 15.65
CA PHE A 6 11.61 0.67 15.00
C PHE A 6 11.85 0.58 13.52
N SER A 7 13.02 1.03 13.07
CA SER A 7 13.29 1.04 11.55
C SER A 7 13.12 -0.30 10.92
N GLY A 8 12.49 -0.29 9.77
CA GLY A 8 12.35 -1.53 8.97
C GLY A 8 11.19 -1.42 8.00
N LYS A 9 11.05 -2.45 7.17
CA LYS A 9 9.89 -2.68 6.34
C LYS A 9 9.20 -3.93 6.84
N TYR A 10 7.87 -3.91 6.91
CA TYR A 10 7.10 -4.95 7.57
C TYR A 10 5.96 -5.28 6.69
N GLN A 11 5.61 -6.58 6.64
CA GLN A 11 4.42 -6.92 5.89
C GLN A 11 3.33 -7.45 6.82
N LEU A 12 2.11 -6.96 6.58
CA LEU A 12 0.96 -7.42 7.32
C LEU A 12 0.82 -8.93 7.26
N GLN A 13 0.68 -9.53 8.41
CA GLN A 13 0.46 -11.04 8.51
C GLN A 13 -1.00 -11.36 8.78
N SER A 14 -1.58 -10.69 9.77
CA SER A 14 -2.98 -10.93 10.11
C SER A 14 -3.53 -9.67 10.78
N GLN A 15 -4.87 -9.58 10.84
CA GLN A 15 -5.49 -8.44 11.47
C GLN A 15 -6.92 -8.84 11.93
N GLU A 16 -7.41 -8.17 12.94
CA GLU A 16 -8.68 -8.49 13.55
C GLU A 16 -9.50 -7.22 13.56
N ASN A 17 -10.77 -7.32 13.19
CA ASN A 17 -11.67 -6.16 13.23
C ASN A 17 -11.43 -5.05 12.25
N PHE A 18 -10.77 -5.35 11.14
CA PHE A 18 -10.68 -4.33 10.08
C PHE A 18 -12.02 -3.74 9.66
N GLU A 19 -12.96 -4.62 9.35
CA GLU A 19 -14.29 -4.13 8.89
C GLU A 19 -15.03 -3.23 9.88
N ALA A 20 -15.20 -3.71 11.10
CA ALA A 20 -15.81 -2.92 12.18
C ALA A 20 -15.15 -1.56 12.41
N PHE A 21 -13.81 -1.59 12.48
CA PHE A 21 -13.06 -0.39 12.76
C PHE A 21 -13.18 0.59 11.60
N MET A 22 -12.94 0.11 10.36
CA MET A 22 -13.01 1.03 9.21
C MET A 22 -14.43 1.60 9.00
N LYS A 23 -15.44 0.79 9.27
CA LYS A 23 -16.82 1.30 9.22
CA LYS A 23 -16.83 1.28 9.27
C LYS A 23 -17.05 2.37 10.31
N ALA A 24 -16.56 2.11 11.50
CA ALA A 24 -16.75 3.09 12.54
C ALA A 24 -16.12 4.42 12.28
N ILE A 25 -14.92 4.43 11.65
CA ILE A 25 -14.26 5.68 11.42
C ILE A 25 -14.79 6.34 10.13
N GLY A 26 -15.64 5.62 9.36
CA GLY A 26 -16.34 6.27 8.25
C GLY A 26 -15.66 6.05 6.89
N LEU A 27 -14.79 5.03 6.80
CA LEU A 27 -14.21 4.67 5.48
C LEU A 27 -15.34 4.31 4.52
N PRO A 28 -15.24 4.81 3.27
CA PRO A 28 -16.27 4.41 2.30
C PRO A 28 -16.38 2.86 2.19
N GLU A 29 -17.59 2.30 2.18
CA GLU A 29 -17.78 0.85 2.11
C GLU A 29 -16.99 0.17 0.97
N GLU A 30 -16.78 0.93 -0.12
CA GLU A 30 -16.14 0.36 -1.31
C GLU A 30 -14.67 0.18 -1.04
N LEU A 31 -14.08 1.07 -0.25
CA LEU A 31 -12.72 0.94 0.14
C LEU A 31 -12.56 -0.17 1.20
N ILE A 32 -13.57 -0.36 2.07
CA ILE A 32 -13.58 -1.50 3.01
C ILE A 32 -13.52 -2.81 2.27
N GLN A 33 -14.38 -2.96 1.26
CA GLN A 33 -14.42 -4.19 0.55
C GLN A 33 -13.11 -4.47 -0.20
N LYS A 34 -12.65 -3.47 -0.94
CA LYS A 34 -11.40 -3.50 -1.69
C LYS A 34 -10.15 -3.66 -0.83
N GLY A 35 -10.19 -3.19 0.42
CA GLY A 35 -9.00 -3.10 1.25
C GLY A 35 -8.78 -4.25 2.21
N LYS A 36 -9.89 -4.88 2.61
CA LYS A 36 -9.86 -5.85 3.74
C LYS A 36 -8.94 -7.03 3.53
N ASP A 37 -8.62 -7.42 2.28
CA ASP A 37 -7.74 -8.61 2.11
C ASP A 37 -6.31 -8.28 1.66
N ILE A 38 -6.00 -7.02 1.63
CA ILE A 38 -4.67 -6.53 1.30
C ILE A 38 -3.71 -6.74 2.45
N LYS A 39 -2.61 -7.45 2.22
CA LYS A 39 -1.55 -7.57 3.21
C LYS A 39 -0.40 -6.67 2.75
N GLY A 40 -0.50 -5.40 3.07
CA GLY A 40 0.49 -4.43 2.50
C GLY A 40 1.76 -4.33 3.31
N VAL A 41 2.75 -3.66 2.74
CA VAL A 41 4.07 -3.43 3.34
C VAL A 41 4.12 -2.01 3.87
N SER A 42 4.60 -1.86 5.11
CA SER A 42 4.78 -0.53 5.67
C SER A 42 6.24 -0.33 5.92
N GLU A 43 6.62 0.91 6.03
CA GLU A 43 8.04 1.22 6.31
C GLU A 43 8.13 2.25 7.41
N ILE A 44 9.04 2.06 8.38
CA ILE A 44 9.28 3.05 9.44
C ILE A 44 10.78 3.43 9.29
N VAL A 45 11.01 4.73 9.31
CA VAL A 45 12.39 5.29 9.29
C VAL A 45 12.47 6.06 10.60
N GLN A 46 13.40 5.69 11.46
CA GLN A 46 13.49 6.43 12.70
C GLN A 46 14.83 7.11 12.76
N ASN A 47 14.86 8.41 13.01
CA ASN A 47 16.16 9.13 13.19
C ASN A 47 16.07 9.71 14.59
N GLY A 48 16.64 8.99 15.56
CA GLY A 48 16.61 9.49 16.98
C GLY A 48 15.17 9.39 17.46
N LYS A 49 14.55 10.53 17.68
CA LYS A 49 13.19 10.64 18.17
C LYS A 49 12.28 11.10 17.05
N HIS A 50 12.83 11.15 15.83
CA HIS A 50 12.03 11.61 14.65
C HIS A 50 11.64 10.36 13.84
N PHE A 51 10.35 10.26 13.40
CA PHE A 51 9.90 9.06 12.71
C PHE A 51 9.21 9.49 11.45
N LYS A 52 9.36 8.69 10.40
CA LYS A 52 8.56 8.80 9.17
C LYS A 52 7.98 7.42 8.93
N PHE A 53 6.66 7.35 8.84
CA PHE A 53 5.94 6.06 8.62
C PHE A 53 5.35 6.16 7.21
N THR A 54 5.45 5.07 6.43
CA THR A 54 4.66 4.99 5.19
C THR A 54 3.86 3.68 5.36
N ILE A 55 2.57 3.78 5.60
CA ILE A 55 1.81 2.64 5.99
C ILE A 55 0.84 2.24 4.88
N THR A 56 0.72 0.96 4.57
CA THR A 56 -0.34 0.49 3.70
C THR A 56 -1.49 0.12 4.60
N ALA A 57 -2.55 0.89 4.47
CA ALA A 57 -3.74 0.72 5.27
C ALA A 57 -4.92 0.36 4.37
N GLY A 58 -5.17 -0.94 4.22
CA GLY A 58 -6.06 -1.44 3.19
C GLY A 58 -5.66 -0.86 1.83
N SER A 59 -6.61 -0.18 1.21
CA SER A 59 -6.40 0.35 -0.14
C SER A 59 -5.63 1.72 -0.18
N LYS A 60 -5.13 2.24 0.96
CA LYS A 60 -4.53 3.58 0.99
CA LYS A 60 -4.50 3.56 0.94
C LYS A 60 -3.08 3.52 1.48
N VAL A 61 -2.20 4.35 0.93
CA VAL A 61 -0.90 4.58 1.51
C VAL A 61 -1.01 5.87 2.29
N ILE A 62 -0.61 5.77 3.52
CA ILE A 62 -0.71 6.89 4.42
C ILE A 62 0.68 7.20 4.95
N GLN A 63 1.11 8.46 4.83
CA GLN A 63 2.48 8.83 5.24
C GLN A 63 2.33 9.79 6.41
N ASN A 64 3.07 9.52 7.47
CA ASN A 64 3.07 10.35 8.65
C ASN A 64 4.47 10.64 9.11
N GLU A 65 4.61 11.73 9.84
CA GLU A 65 5.89 12.13 10.29
C GLU A 65 5.67 12.87 11.60
N PHE A 66 6.54 12.61 12.54
CA PHE A 66 6.39 13.14 13.88
C PHE A 66 7.70 13.04 14.70
N THR A 67 7.82 13.86 15.73
CA THR A 67 8.90 13.71 16.68
C THR A 67 8.28 13.47 18.03
N VAL A 68 8.74 12.42 18.72
CA VAL A 68 8.24 11.99 19.99
C VAL A 68 8.22 13.16 20.99
N GLY A 69 7.06 13.26 21.63
CA GLY A 69 6.81 14.31 22.64
C GLY A 69 6.57 15.70 22.10
N GLU A 70 6.46 15.90 20.77
CA GLU A 70 6.06 17.20 20.22
C GLU A 70 4.75 17.08 19.47
N GLU A 71 4.01 18.17 19.44
CA GLU A 71 2.74 18.23 18.66
C GLU A 71 3.03 17.92 17.21
N CYS A 72 2.24 17.05 16.63
CA CYS A 72 2.39 16.71 15.23
C CYS A 72 1.04 16.76 14.53
N GLU A 73 1.07 16.79 13.21
CA GLU A 73 -0.18 16.63 12.44
C GLU A 73 -0.08 15.23 11.91
N LEU A 74 -1.13 14.45 12.05
CA LEU A 74 -1.14 13.11 11.46
C LEU A 74 -2.31 13.00 10.50
N GLU A 75 -2.12 12.23 9.47
CA GLU A 75 -3.23 11.74 8.64
C GLU A 75 -3.73 10.39 9.17
N THR A 76 -5.05 10.26 9.34
CA THR A 76 -5.61 9.05 9.93
C THR A 76 -5.86 8.08 8.79
N MET A 77 -6.39 6.89 9.11
CA MET A 77 -6.70 5.92 8.04
C MET A 77 -7.78 6.35 7.07
N THR A 78 -8.48 7.44 7.39
CA THR A 78 -9.42 8.03 6.43
C THR A 78 -8.87 9.26 5.73
N GLY A 79 -7.54 9.46 5.82
CA GLY A 79 -6.94 10.74 5.41
C GLY A 79 -7.43 12.02 6.10
N GLU A 80 -8.19 11.94 7.21
CA GLU A 80 -8.50 13.12 7.98
C GLU A 80 -7.19 13.56 8.61
N LYS A 81 -6.94 14.88 8.73
CA LYS A 81 -5.79 15.42 9.48
C LYS A 81 -6.13 15.70 10.94
N VAL A 82 -5.27 15.28 11.86
CA VAL A 82 -5.52 15.43 13.31
C VAL A 82 -4.26 15.91 14.00
N LYS A 83 -4.41 16.63 15.12
CA LYS A 83 -3.25 17.15 15.83
C LYS A 83 -3.15 16.37 17.08
N THR A 84 -1.98 15.82 17.35
CA THR A 84 -1.82 15.12 18.61
C THR A 84 -0.33 15.00 18.99
N VAL A 85 -0.01 14.12 19.92
CA VAL A 85 1.44 13.93 20.23
C VAL A 85 1.68 12.41 20.39
N VAL A 86 2.76 11.89 19.89
CA VAL A 86 3.06 10.47 20.04
C VAL A 86 4.10 10.35 21.16
N GLN A 87 3.99 9.38 22.07
CA GLN A 87 4.98 9.24 23.11
C GLN A 87 5.61 7.87 22.96
N LEU A 88 6.83 7.75 23.43
CA LEU A 88 7.43 6.38 23.60
C LEU A 88 7.10 5.89 24.97
N GLU A 89 6.67 4.64 25.09
CA GLU A 89 6.32 4.13 26.38
C GLU A 89 7.22 2.96 26.51
N GLY A 90 8.20 3.08 27.40
CA GLY A 90 9.08 1.93 27.60
C GLY A 90 10.08 1.77 26.47
N ASP A 91 10.54 0.54 26.23
CA ASP A 91 11.66 0.37 25.29
C ASP A 91 11.21 0.12 23.86
N ASN A 92 9.92 -0.19 23.72
CA ASN A 92 9.45 -0.85 22.48
C ASN A 92 8.00 -0.49 22.00
N LYS A 93 7.47 0.63 22.45
CA LYS A 93 6.07 1.01 22.20
C LYS A 93 5.93 2.48 21.93
N LEU A 94 5.24 2.78 20.84
CA LEU A 94 4.83 4.14 20.52
C LEU A 94 3.36 4.28 20.76
N VAL A 95 2.93 5.34 21.46
CA VAL A 95 1.54 5.38 21.90
C VAL A 95 1.02 6.78 21.59
N THR A 96 -0.18 6.82 21.06
CA THR A 96 -0.85 8.11 20.75
C THR A 96 -2.35 7.98 20.89
N THR A 97 -3.02 9.12 21.06
CA THR A 97 -4.45 9.16 21.23
C THR A 97 -4.89 10.34 20.37
N PHE A 98 -5.90 10.06 19.57
CA PHE A 98 -6.48 11.11 18.69
C PHE A 98 -7.92 10.73 18.44
N LYS A 99 -8.75 11.75 18.18
CA LYS A 99 -10.20 11.53 18.15
C LYS A 99 -10.60 10.76 19.44
N ASN A 100 -11.35 9.68 19.27
CA ASN A 100 -11.65 8.74 20.36
C ASN A 100 -10.89 7.42 20.20
N ILE A 101 -9.71 7.50 19.62
CA ILE A 101 -8.88 6.30 19.34
C ILE A 101 -7.59 6.29 20.14
N LYS A 102 -7.29 5.16 20.83
CA LYS A 102 -5.97 4.99 21.43
C LYS A 102 -5.17 4.01 20.54
N SER A 103 -3.92 4.36 20.20
CA SER A 103 -3.14 3.56 19.25
C SER A 103 -1.82 3.19 19.95
N VAL A 104 -1.52 1.90 20.01
CA VAL A 104 -0.28 1.37 20.56
C VAL A 104 0.44 0.59 19.46
N THR A 105 1.68 0.95 19.22
CA THR A 105 2.46 0.20 18.22
C THR A 105 3.62 -0.37 18.98
N GLU A 106 3.72 -1.70 18.97
CA GLU A 106 4.77 -2.33 19.81
C GLU A 106 5.61 -3.23 18.95
N LEU A 107 6.95 -3.13 19.09
CA LEU A 107 7.87 -4.01 18.32
C LEU A 107 8.40 -5.10 19.25
N ASN A 108 8.29 -6.35 18.83
CA ASN A 108 8.84 -7.47 19.57
C ASN A 108 9.70 -8.20 18.55
N GLY A 109 10.97 -7.87 18.49
CA GLY A 109 11.85 -8.64 17.56
C GLY A 109 11.57 -8.23 16.13
N ASP A 110 10.99 -9.16 15.38
CA ASP A 110 10.65 -8.93 13.99
C ASP A 110 9.14 -8.69 13.75
N ILE A 111 8.38 -8.67 14.83
CA ILE A 111 6.91 -8.60 14.78
C ILE A 111 6.50 -7.26 15.32
N ILE A 112 5.83 -6.47 14.52
CA ILE A 112 5.27 -5.25 15.01
CA ILE A 112 5.22 -5.21 15.01
C ILE A 112 3.73 -5.44 15.13
N THR A 113 3.20 -5.08 16.29
CA THR A 113 1.77 -5.23 16.56
C THR A 113 1.16 -3.86 16.72
N ASN A 114 0.20 -3.48 15.92
CA ASN A 114 -0.48 -2.18 16.22
C ASN A 114 -1.88 -2.46 16.74
N THR A 115 -2.25 -1.91 17.91
CA THR A 115 -3.65 -2.05 18.36
C THR A 115 -4.29 -0.65 18.40
N MET A 116 -5.46 -0.52 17.80
CA MET A 116 -6.19 0.77 17.89
C MET A 116 -7.51 0.44 18.56
N THR A 117 -7.76 1.10 19.65
CA THR A 117 -8.98 0.88 20.44
C THR A 117 -9.87 2.07 20.23
N LEU A 118 -11.08 1.80 19.77
CA LEU A 118 -12.07 2.83 19.42
C LEU A 118 -13.34 2.43 20.16
N GLY A 119 -13.58 3.06 21.31
CA GLY A 119 -14.57 2.58 22.25
C GLY A 119 -14.34 1.10 22.50
N ASP A 120 -15.35 0.30 22.22
CA ASP A 120 -15.22 -1.13 22.44
C ASP A 120 -14.65 -1.96 21.32
N ILE A 121 -14.32 -1.31 20.20
CA ILE A 121 -13.65 -2.01 19.10
C ILE A 121 -12.12 -2.03 19.27
N VAL A 122 -11.54 -3.23 19.23
CA VAL A 122 -10.04 -3.37 19.16
C VAL A 122 -9.61 -3.83 17.76
N PHE A 123 -9.04 -2.93 16.99
CA PHE A 123 -8.52 -3.27 15.65
C PHE A 123 -7.03 -3.61 15.85
N LYS A 124 -6.61 -4.83 15.52
CA LYS A 124 -5.23 -5.23 15.79
C LYS A 124 -4.62 -5.65 14.44
N ARG A 125 -3.38 -5.24 14.19
CA ARG A 125 -2.71 -5.61 12.94
C ARG A 125 -1.36 -6.17 13.37
N ILE A 126 -1.00 -7.33 12.82
CA ILE A 126 0.32 -7.91 13.16
C ILE A 126 1.08 -8.02 11.89
N SER A 127 2.31 -7.44 11.91
CA SER A 127 3.17 -7.35 10.71
C SER A 127 4.54 -7.94 11.02
N LYS A 128 5.19 -8.49 10.01
CA LYS A 128 6.46 -9.14 10.20
C LYS A 128 7.54 -8.50 9.29
N ARG A 129 8.73 -8.28 9.85
CA ARG A 129 9.86 -7.72 9.14
C ARG A 129 10.20 -8.45 7.82
N ILE A 130 10.28 -7.69 6.75
CA ILE A 130 10.83 -8.24 5.45
C ILE A 130 12.21 -7.68 5.11
N SER B 5 8.72 -18.18 -12.45
CA SER B 5 7.75 -17.61 -11.43
C SER B 5 7.96 -16.15 -11.15
N PHE B 6 6.87 -15.38 -11.21
CA PHE B 6 6.89 -13.96 -10.93
C PHE B 6 6.83 -13.65 -9.44
N SER B 7 6.67 -14.69 -8.60
CA SER B 7 6.41 -14.41 -7.20
C SER B 7 7.53 -13.60 -6.53
N GLY B 8 7.08 -12.62 -5.74
CA GLY B 8 8.01 -11.83 -4.92
C GLY B 8 7.47 -10.45 -4.57
N LYS B 9 8.32 -9.74 -3.83
CA LYS B 9 8.06 -8.33 -3.43
C LYS B 9 9.07 -7.46 -4.11
N TYR B 10 8.60 -6.39 -4.78
CA TYR B 10 9.46 -5.52 -5.55
C TYR B 10 9.20 -4.08 -5.19
N GLN B 11 10.27 -3.33 -5.11
CA GLN B 11 10.15 -1.91 -4.74
C GLN B 11 10.47 -1.05 -5.95
N LEU B 12 9.58 -0.10 -6.19
CA LEU B 12 9.74 0.85 -7.27
C LEU B 12 11.11 1.54 -7.17
N GLN B 13 11.85 1.47 -8.28
CA GLN B 13 13.14 2.18 -8.38
C GLN B 13 13.00 3.55 -9.05
N SER B 14 12.25 3.57 -10.15
CA SER B 14 12.06 4.80 -10.88
C SER B 14 10.86 4.68 -11.81
N GLN B 15 10.31 5.82 -12.21
CA GLN B 15 9.21 5.76 -13.14
C GLN B 15 9.16 7.03 -13.96
N GLU B 16 8.52 6.92 -15.12
CA GLU B 16 8.47 8.03 -16.04
C GLU B 16 7.06 8.24 -16.41
N ASN B 17 6.64 9.50 -16.43
CA ASN B 17 5.33 9.95 -16.93
C ASN B 17 4.16 9.51 -16.04
N PHE B 18 4.40 9.32 -14.77
CA PHE B 18 3.27 9.01 -13.81
C PHE B 18 2.24 10.14 -13.81
N GLU B 19 2.69 11.39 -13.66
CA GLU B 19 1.72 12.50 -13.66
C GLU B 19 0.88 12.64 -14.95
N ALA B 20 1.56 12.60 -16.08
CA ALA B 20 0.83 12.67 -17.36
C ALA B 20 -0.21 11.54 -17.50
N PHE B 21 0.20 10.31 -17.14
CA PHE B 21 -0.65 9.17 -17.40
C PHE B 21 -1.89 9.24 -16.47
N MET B 22 -1.61 9.63 -15.23
CA MET B 22 -2.62 9.64 -14.19
C MET B 22 -3.60 10.78 -14.48
N LYS B 23 -3.04 11.92 -14.89
CA LYS B 23 -3.90 13.00 -15.38
C LYS B 23 -4.81 12.55 -16.52
N ALA B 24 -4.27 11.82 -17.50
CA ALA B 24 -5.01 11.32 -18.67
C ALA B 24 -6.13 10.32 -18.36
N ILE B 25 -5.95 9.52 -17.32
CA ILE B 25 -6.97 8.57 -16.95
C ILE B 25 -7.98 9.14 -15.97
N GLY B 26 -7.89 10.43 -15.66
CA GLY B 26 -8.79 11.07 -14.72
C GLY B 26 -8.53 11.02 -13.21
N LEU B 27 -7.33 10.63 -12.76
CA LEU B 27 -7.07 10.66 -11.31
C LEU B 27 -7.12 12.11 -10.77
N PRO B 28 -7.76 12.34 -9.60
CA PRO B 28 -7.82 13.70 -9.05
C PRO B 28 -6.42 14.30 -8.80
N GLU B 29 -6.26 15.61 -9.00
CA GLU B 29 -4.94 16.23 -8.85
C GLU B 29 -4.36 16.02 -7.44
N GLU B 30 -5.21 16.10 -6.42
CA GLU B 30 -4.75 15.88 -5.07
C GLU B 30 -4.09 14.48 -4.95
N LEU B 31 -4.72 13.45 -5.55
CA LEU B 31 -4.13 12.09 -5.52
C LEU B 31 -2.87 11.97 -6.37
N ILE B 32 -2.85 12.70 -7.48
CA ILE B 32 -1.62 12.74 -8.28
C ILE B 32 -0.49 13.36 -7.45
N GLN B 33 -0.76 14.48 -6.80
CA GLN B 33 0.25 15.13 -5.96
C GLN B 33 0.72 14.32 -4.80
N LYS B 34 -0.16 13.59 -4.13
CA LYS B 34 0.22 12.84 -2.91
C LYS B 34 0.97 11.59 -3.30
N GLY B 35 0.74 11.15 -4.54
CA GLY B 35 1.21 9.83 -4.98
C GLY B 35 2.49 9.84 -5.80
N LYS B 36 2.78 10.99 -6.39
CA LYS B 36 3.72 11.01 -7.51
C LYS B 36 5.15 10.68 -7.04
N ASP B 37 5.43 10.85 -5.74
CA ASP B 37 6.78 10.57 -5.19
C ASP B 37 6.82 9.37 -4.21
N ILE B 38 5.72 8.64 -4.06
CA ILE B 38 5.79 7.38 -3.28
C ILE B 38 6.45 6.29 -4.14
N LYS B 39 7.48 5.62 -3.61
CA LYS B 39 8.13 4.53 -4.30
C LYS B 39 7.82 3.36 -3.38
N GLY B 40 6.74 2.65 -3.65
CA GLY B 40 6.36 1.61 -2.70
C GLY B 40 6.58 0.25 -3.31
N VAL B 41 6.05 -0.74 -2.61
CA VAL B 41 6.34 -2.15 -2.80
C VAL B 41 5.15 -2.79 -3.48
N SER B 42 5.41 -3.59 -4.51
CA SER B 42 4.34 -4.33 -5.08
C SER B 42 4.64 -5.82 -4.87
N GLU B 43 3.60 -6.56 -4.63
CA GLU B 43 3.81 -8.00 -4.43
C GLU B 43 3.08 -8.77 -5.52
N ILE B 44 3.66 -9.88 -5.97
CA ILE B 44 3.01 -10.77 -6.94
C ILE B 44 3.03 -12.15 -6.29
N VAL B 45 1.89 -12.82 -6.26
CA VAL B 45 1.88 -14.30 -5.89
C VAL B 45 1.37 -15.00 -7.16
N GLN B 46 2.22 -15.83 -7.74
CA GLN B 46 1.81 -16.63 -8.92
C GLN B 46 1.56 -18.05 -8.46
N ASN B 47 0.40 -18.58 -8.85
CA ASN B 47 0.07 -19.99 -8.53
C ASN B 47 -0.37 -20.59 -9.88
N GLY B 48 0.56 -21.18 -10.60
CA GLY B 48 0.27 -21.70 -11.96
C GLY B 48 -0.05 -20.53 -12.88
N LYS B 49 -1.21 -20.64 -13.56
CA LYS B 49 -1.70 -19.54 -14.40
C LYS B 49 -2.40 -18.45 -13.65
N HIS B 50 -2.61 -18.62 -12.38
CA HIS B 50 -3.25 -17.52 -11.62
C HIS B 50 -2.21 -16.55 -11.04
N PHE B 51 -2.57 -15.26 -10.99
CA PHE B 51 -1.71 -14.20 -10.40
C PHE B 51 -2.53 -13.32 -9.55
N LYS B 52 -1.97 -12.99 -8.37
CA LYS B 52 -2.48 -11.96 -7.48
C LYS B 52 -1.41 -10.85 -7.49
N PHE B 53 -1.78 -9.64 -7.89
CA PHE B 53 -0.86 -8.50 -7.90
C PHE B 53 -1.43 -7.52 -6.87
N THR B 54 -0.58 -7.13 -5.93
CA THR B 54 -0.97 -6.10 -5.01
C THR B 54 0.03 -4.98 -5.27
N ILE B 55 -0.46 -3.91 -5.91
CA ILE B 55 0.42 -2.89 -6.47
C ILE B 55 0.22 -1.59 -5.70
N THR B 56 1.34 -0.98 -5.30
CA THR B 56 1.28 0.39 -4.83
C THR B 56 1.47 1.27 -5.98
N ALA B 57 0.43 2.02 -6.26
CA ALA B 57 0.51 2.92 -7.37
C ALA B 57 0.19 4.33 -6.90
N GLY B 58 1.22 5.13 -6.68
CA GLY B 58 1.02 6.42 -5.96
C GLY B 58 0.55 6.17 -4.54
N SER B 59 -0.54 6.84 -4.14
CA SER B 59 -1.09 6.66 -2.82
C SER B 59 -2.23 5.64 -2.69
N LYS B 60 -2.44 4.88 -3.75
CA LYS B 60 -3.44 3.83 -3.74
C LYS B 60 -2.73 2.46 -3.79
N VAL B 61 -3.31 1.47 -3.11
CA VAL B 61 -2.88 0.08 -3.16
C VAL B 61 -4.05 -0.62 -3.83
N ILE B 62 -3.77 -1.23 -4.98
CA ILE B 62 -4.82 -1.93 -5.78
C ILE B 62 -4.48 -3.43 -5.88
N GLN B 63 -5.39 -4.30 -5.47
CA GLN B 63 -5.09 -5.71 -5.58
C GLN B 63 -5.93 -6.25 -6.75
N ASN B 64 -5.28 -6.93 -7.69
CA ASN B 64 -5.97 -7.55 -8.80
C ASN B 64 -5.57 -9.00 -8.86
N GLU B 65 -6.48 -9.83 -9.32
CA GLU B 65 -6.17 -11.18 -9.52
C GLU B 65 -6.70 -11.57 -10.90
N PHE B 66 -6.02 -12.53 -11.48
CA PHE B 66 -6.48 -13.10 -12.75
C PHE B 66 -5.83 -14.41 -13.08
N THR B 67 -6.42 -15.14 -14.04
CA THR B 67 -5.83 -16.35 -14.53
C THR B 67 -5.50 -16.07 -16.00
N VAL B 68 -4.25 -16.30 -16.42
CA VAL B 68 -3.73 -15.90 -17.78
C VAL B 68 -4.50 -16.64 -18.88
N GLY B 69 -4.86 -15.88 -19.91
CA GLY B 69 -5.77 -16.34 -20.97
C GLY B 69 -7.25 -16.54 -20.68
N GLU B 70 -7.71 -16.18 -19.49
CA GLU B 70 -9.09 -16.28 -19.16
C GLU B 70 -9.60 -14.88 -19.00
N GLU B 71 -10.93 -14.74 -18.95
CA GLU B 71 -11.54 -13.48 -18.70
C GLU B 71 -11.19 -13.13 -17.26
N CYS B 72 -11.00 -11.86 -16.98
CA CYS B 72 -10.67 -11.35 -15.60
C CYS B 72 -11.24 -9.97 -15.47
N GLU B 73 -11.50 -9.55 -14.24
CA GLU B 73 -11.94 -8.19 -13.95
C GLU B 73 -10.83 -7.44 -13.17
N LEU B 74 -10.44 -6.25 -13.62
CA LEU B 74 -9.31 -5.56 -12.98
C LEU B 74 -9.80 -4.27 -12.38
N GLU B 75 -9.32 -3.93 -11.18
CA GLU B 75 -9.61 -2.56 -10.75
C GLU B 75 -8.60 -1.61 -11.35
N THR B 76 -9.07 -0.43 -11.82
CA THR B 76 -8.17 0.54 -12.38
C THR B 76 -7.72 1.55 -11.32
N MET B 77 -6.78 2.42 -11.68
CA MET B 77 -6.37 3.53 -10.81
C MET B 77 -7.50 4.43 -10.38
N THR B 78 -8.46 4.66 -11.27
CA THR B 78 -9.60 5.49 -10.89
C THR B 78 -10.65 4.77 -10.11
N GLY B 79 -10.48 3.46 -9.90
CA GLY B 79 -11.41 2.69 -9.09
C GLY B 79 -12.37 1.85 -9.90
N GLU B 80 -12.55 2.28 -11.15
CA GLU B 80 -13.34 1.63 -12.18
C GLU B 80 -12.89 0.18 -12.35
N LYS B 81 -13.83 -0.68 -12.69
CA LYS B 81 -13.54 -2.09 -12.74
C LYS B 81 -13.85 -2.53 -14.17
N VAL B 82 -12.85 -3.08 -14.85
CA VAL B 82 -12.97 -3.35 -16.26
C VAL B 82 -12.70 -4.85 -16.44
N LYS B 83 -13.20 -5.44 -17.51
CA LYS B 83 -12.99 -6.86 -17.76
C LYS B 83 -12.12 -7.03 -18.99
N THR B 84 -11.20 -7.98 -18.94
CA THR B 84 -10.22 -8.12 -20.02
C THR B 84 -9.56 -9.49 -19.95
N VAL B 85 -8.44 -9.69 -20.60
CA VAL B 85 -7.65 -10.93 -20.50
C VAL B 85 -6.16 -10.60 -20.47
N VAL B 86 -5.42 -11.21 -19.54
CA VAL B 86 -3.96 -11.04 -19.48
C VAL B 86 -3.34 -12.27 -20.10
N GLN B 87 -2.27 -12.07 -20.87
CA GLN B 87 -1.54 -13.18 -21.50
C GLN B 87 -0.15 -13.31 -20.94
N LEU B 88 0.26 -14.57 -20.82
CA LEU B 88 1.57 -14.88 -20.40
C LEU B 88 2.25 -15.30 -21.70
N GLU B 89 3.00 -14.38 -22.24
CA GLU B 89 3.60 -14.60 -23.53
C GLU B 89 5.01 -15.00 -23.21
N GLY B 90 5.27 -16.29 -23.43
CA GLY B 90 6.57 -16.88 -23.18
C GLY B 90 6.72 -17.19 -21.71
N ASP B 91 7.91 -16.92 -21.19
CA ASP B 91 8.26 -17.27 -19.82
C ASP B 91 8.05 -16.05 -18.90
N ASN B 92 8.30 -14.85 -19.43
CA ASN B 92 8.58 -13.69 -18.58
C ASN B 92 7.81 -12.40 -18.87
N LYS B 93 6.69 -12.51 -19.59
CA LYS B 93 5.89 -11.30 -19.98
C LYS B 93 4.41 -11.44 -19.82
N LEU B 94 3.77 -10.43 -19.17
CA LEU B 94 2.33 -10.45 -19.02
C LEU B 94 1.83 -9.24 -19.77
N VAL B 95 0.82 -9.47 -20.61
CA VAL B 95 0.30 -8.49 -21.59
C VAL B 95 -1.22 -8.40 -21.60
N THR B 96 -1.75 -7.18 -21.52
CA THR B 96 -3.16 -6.98 -21.61
C THR B 96 -3.41 -5.60 -22.24
N THR B 97 -4.63 -5.42 -22.71
CA THR B 97 -5.04 -4.17 -23.27
C THR B 97 -6.25 -3.84 -22.46
N PHE B 98 -6.49 -2.56 -22.29
CA PHE B 98 -7.86 -2.17 -22.10
C PHE B 98 -8.22 -0.98 -23.00
N LYS B 99 -9.14 -1.23 -23.95
CA LYS B 99 -9.63 -0.22 -24.87
C LYS B 99 -8.39 0.45 -25.50
N ASN B 100 -8.06 1.65 -25.03
CA ASN B 100 -6.92 2.38 -25.58
C ASN B 100 -5.67 2.29 -24.69
N ILE B 101 -5.77 1.63 -23.54
CA ILE B 101 -4.58 1.41 -22.72
C ILE B 101 -4.02 0.04 -22.98
N LYS B 102 -2.73 -0.02 -23.28
CA LYS B 102 -2.08 -1.34 -23.33
C LYS B 102 -0.95 -1.48 -22.30
N SER B 103 -0.84 -2.67 -21.71
CA SER B 103 0.14 -2.89 -20.66
C SER B 103 0.99 -4.12 -20.91
N VAL B 104 2.29 -3.93 -20.83
CA VAL B 104 3.29 -4.99 -20.84
C VAL B 104 4.18 -5.08 -19.56
N THR B 105 4.07 -6.19 -18.82
CA THR B 105 4.90 -6.36 -17.61
C THR B 105 6.00 -7.40 -17.90
N GLU B 106 7.25 -7.11 -17.55
CA GLU B 106 8.35 -8.06 -17.86
C GLU B 106 9.32 -8.31 -16.71
N LEU B 107 9.60 -9.59 -16.44
CA LEU B 107 10.49 -9.99 -15.38
C LEU B 107 11.88 -10.46 -15.92
N ASN B 108 12.93 -9.92 -15.34
CA ASN B 108 14.35 -10.33 -15.59
C ASN B 108 15.17 -10.35 -14.31
N GLY B 109 15.41 -11.53 -13.75
CA GLY B 109 16.12 -11.66 -12.48
C GLY B 109 15.30 -11.01 -11.39
N ASP B 110 15.90 -10.00 -10.76
CA ASP B 110 15.31 -9.39 -9.62
C ASP B 110 14.63 -8.06 -10.03
N ILE B 111 14.49 -7.85 -11.34
CA ILE B 111 13.99 -6.55 -11.90
C ILE B 111 12.70 -6.69 -12.75
N ILE B 112 11.61 -6.05 -12.32
CA ILE B 112 10.36 -6.13 -13.06
C ILE B 112 10.06 -4.74 -13.69
N THR B 113 9.59 -4.75 -14.93
CA THR B 113 9.27 -3.54 -15.73
C THR B 113 7.85 -3.52 -16.16
N ASN B 114 7.14 -2.37 -16.04
CA ASN B 114 5.82 -2.32 -16.57
C ASN B 114 5.72 -1.11 -17.47
N THR B 115 5.31 -1.32 -18.70
CA THR B 115 5.07 -0.17 -19.57
C THR B 115 3.62 -0.06 -19.89
N MET B 116 3.04 1.11 -19.67
CA MET B 116 1.67 1.28 -20.03
C MET B 116 1.54 2.41 -21.04
N THR B 117 0.73 2.17 -22.08
CA THR B 117 0.61 3.10 -23.23
C THR B 117 -0.82 3.53 -23.44
N LEU B 118 -1.09 4.84 -23.41
CA LEU B 118 -2.41 5.38 -23.65
C LEU B 118 -2.20 6.58 -24.58
N GLY B 119 -2.74 6.44 -25.80
CA GLY B 119 -2.49 7.42 -26.87
C GLY B 119 -1.00 7.65 -27.03
N ASP B 120 -0.54 8.85 -26.75
CA ASP B 120 0.88 9.09 -26.98
C ASP B 120 1.70 9.07 -25.70
N ILE B 121 1.05 8.69 -24.60
CA ILE B 121 1.72 8.70 -23.27
C ILE B 121 2.26 7.31 -23.05
N VAL B 122 3.53 7.21 -22.67
CA VAL B 122 4.11 5.90 -22.34
C VAL B 122 4.57 6.07 -20.87
N PHE B 123 3.94 5.28 -19.98
CA PHE B 123 4.14 5.29 -18.52
C PHE B 123 4.92 4.00 -18.12
N LYS B 124 6.14 4.23 -17.68
CA LYS B 124 7.06 3.11 -17.46
C LYS B 124 7.47 3.12 -15.99
N ARG B 125 7.53 1.92 -15.35
CA ARG B 125 7.94 1.76 -13.94
C ARG B 125 8.89 0.60 -13.94
N ILE B 126 9.97 0.78 -13.22
CA ILE B 126 10.98 -0.23 -12.97
C ILE B 126 11.05 -0.46 -11.49
N SER B 127 10.90 -1.75 -11.09
CA SER B 127 11.06 -2.10 -9.65
C SER B 127 12.06 -3.23 -9.44
N LYS B 128 12.58 -3.33 -8.21
CA LYS B 128 13.61 -4.32 -7.91
C LYS B 128 13.19 -5.18 -6.73
N ARG B 129 13.49 -6.48 -6.85
CA ARG B 129 13.24 -7.45 -5.80
C ARG B 129 13.86 -7.04 -4.49
N ILE B 130 13.07 -7.08 -3.45
CA ILE B 130 13.60 -6.91 -2.09
C ILE B 130 13.65 -8.23 -1.29
#